data_9G5K
#
_entry.id   9G5K
#
_cell.length_a   1.00
_cell.length_b   1.00
_cell.length_c   1.00
_cell.angle_alpha   90.00
_cell.angle_beta   90.00
_cell.angle_gamma   90.00
#
_symmetry.space_group_name_H-M   'P 1'
#
loop_
_entity.id
_entity.type
_entity.pdbx_description
1 polymer 'Nanobody 3.3'
2 polymer 'Thiamine transporter 2'
3 non-polymer 2-acetamido-2-deoxy-beta-D-glucopyranose
#
loop_
_entity_poly.entity_id
_entity_poly.type
_entity_poly.pdbx_seq_one_letter_code
_entity_poly.pdbx_strand_id
1 'polypeptide(L)'
;QVQLVESGGGLVQAGDSLRLSCAASGRTFSNYYMAWFRQAPGKEREFVAAIRLSYGSTYYADSVRGRFTISKDNAKNTVN
LRMNSLKSEDTAIYYCAAAEDRWALAVRTATTYNYWGQGTQVTVSSHHHHHHEPEA
;
B
2 'polypeptide(L)'
;MDCYRTSLSSSWIYPTVILCLFGFFSMMRPSEPFLIPYLSGPDKNLTSAEITNEIFPVWTYSYLVLLLPVFVLTDYVRYK
PVIILQGISFIITWLLLLFGQGVKTMQVVEFFYGMVTAAEVAYYAYIYSVVSPEHYQRVSGYCRSVTLAAYTAGSVLAQL
LVSLANMSYFYLNVISLASVSVAFLFSLFLPMPKKSMFFHAKPSREIKKSSSVNPVLEETHEGEAPGCEEQKPTSEILST
SGKLNKGQLNSLKPSNVTVDVFVQWFQDLKECYSSKRLFYWSLWWAFATAGFNQVLNYVQILWDYKAPSQDSSIYNGAVE
AIATFGGAVAAFAVGYVKVNWDLLGELALVVFSVVNAGSLFLMHYTANIWACYAGYLIFKSSYMLLITIAVFQIAVNLNV
ERYALVFGINTFIALVIQTIMTVIVVDQRGLNLPVSIQFLVYGSYFAVIAGIFLMRSMYITYSTKSQKDVQSPAPSENPD
VSHPEEESNIIMSTKLLEVLFQGPSSGWSHPQFEKGGGSGGGSGGSAWSHPQFEK
;
A
#
loop_
_chem_comp.id
_chem_comp.type
_chem_comp.name
_chem_comp.formula
NAG D-saccharide, beta linking 2-acetamido-2-deoxy-beta-D-glucopyranose 'C8 H15 N O6'
#
# COMPACT_ATOMS: atom_id res chain seq x y z
N GLN A 1 24.88 20.12 -25.89
CA GLN A 1 25.28 18.75 -25.61
C GLN A 1 25.68 18.58 -24.15
N VAL A 2 25.19 17.52 -23.53
CA VAL A 2 25.56 17.20 -22.15
C VAL A 2 26.90 16.49 -22.14
N GLN A 3 27.65 16.66 -21.06
CA GLN A 3 28.98 16.08 -20.95
C GLN A 3 29.21 15.67 -19.50
N LEU A 4 29.21 14.36 -19.26
CA LEU A 4 29.43 13.80 -17.93
C LEU A 4 30.90 13.39 -17.77
N VAL A 5 31.47 13.72 -16.61
CA VAL A 5 32.84 13.37 -16.29
C VAL A 5 32.87 12.86 -14.84
N GLU A 6 33.59 11.76 -14.61
CA GLU A 6 33.71 11.17 -13.29
C GLU A 6 35.09 11.42 -12.70
N SER A 7 35.22 11.11 -11.42
CA SER A 7 36.49 11.20 -10.71
C SER A 7 36.35 10.48 -9.38
N GLY A 8 37.49 10.19 -8.76
CA GLY A 8 37.55 9.64 -7.43
C GLY A 8 37.83 8.15 -7.37
N GLY A 9 37.62 7.42 -8.47
CA GLY A 9 37.92 6.01 -8.47
C GLY A 9 39.40 5.74 -8.35
N GLY A 10 39.72 4.59 -7.75
CA GLY A 10 41.11 4.23 -7.58
C GLY A 10 41.25 2.84 -7.02
N LEU A 11 42.50 2.52 -6.63
CA LEU A 11 42.79 1.24 -6.03
C LEU A 11 42.57 1.34 -4.55
N VAL A 12 41.62 0.59 -4.02
CA VAL A 12 41.22 0.68 -2.63
C VAL A 12 41.20 -0.72 -2.03
N GLN A 13 41.75 -0.86 -0.83
CA GLN A 13 41.77 -2.15 -0.15
C GLN A 13 40.36 -2.58 0.25
N ALA A 14 40.07 -3.86 0.11
CA ALA A 14 38.75 -4.37 0.43
C ALA A 14 38.40 -4.05 1.88
N GLY A 15 37.18 -3.59 2.10
CA GLY A 15 36.70 -3.19 3.39
C GLY A 15 36.75 -1.70 3.64
N ASP A 16 37.54 -0.96 2.87
CA ASP A 16 37.64 0.49 3.02
C ASP A 16 36.45 1.14 2.31
N SER A 17 36.49 2.47 2.18
CA SER A 17 35.42 3.23 1.55
C SER A 17 36.00 4.07 0.41
N LEU A 18 35.12 4.64 -0.39
CA LEU A 18 35.53 5.45 -1.53
C LEU A 18 34.37 6.32 -1.98
N ARG A 19 34.69 7.48 -2.51
CA ARG A 19 33.69 8.39 -2.97
C ARG A 19 33.92 8.69 -4.43
N LEU A 20 32.85 8.74 -5.22
CA LEU A 20 32.89 9.01 -6.65
C LEU A 20 31.99 10.21 -6.96
N SER A 21 32.50 11.14 -7.77
CA SER A 21 31.77 12.34 -8.14
C SER A 21 31.72 12.44 -9.66
N CYS A 22 30.53 12.69 -10.19
CA CYS A 22 30.31 12.84 -11.63
C CYS A 22 29.74 14.22 -11.90
N ALA A 23 30.55 15.09 -12.49
CA ALA A 23 30.18 16.48 -12.72
C ALA A 23 29.64 16.64 -14.13
N ALA A 24 28.33 16.88 -14.24
CA ALA A 24 27.71 17.13 -15.54
C ALA A 24 27.90 18.59 -15.94
N SER A 25 27.95 18.82 -17.25
CA SER A 25 28.15 20.16 -17.78
C SER A 25 27.44 20.27 -19.13
N GLY A 26 27.60 21.41 -19.79
CA GLY A 26 27.03 21.64 -21.09
C GLY A 26 25.58 22.06 -21.09
N ARG A 27 24.93 22.13 -19.93
CA ARG A 27 23.51 22.46 -19.88
C ARG A 27 23.13 22.76 -18.43
N THR A 28 21.93 23.28 -18.25
CA THR A 28 21.35 23.50 -16.93
C THR A 28 20.60 22.24 -16.53
N PHE A 29 21.07 21.58 -15.47
CA PHE A 29 20.59 20.25 -15.09
C PHE A 29 19.71 20.37 -13.86
N SER A 30 18.40 20.35 -14.07
CA SER A 30 17.42 20.30 -12.99
C SER A 30 16.32 19.28 -13.20
N ASN A 31 16.18 18.78 -14.43
CA ASN A 31 15.14 17.84 -14.77
C ASN A 31 15.74 16.62 -15.41
N TYR A 32 16.79 16.07 -14.80
CA TYR A 32 17.49 14.91 -15.34
C TYR A 32 17.56 13.83 -14.28
N TYR A 33 17.56 12.58 -14.74
CA TYR A 33 17.89 11.43 -13.90
C TYR A 33 19.39 11.16 -14.04
N MET A 34 20.10 11.18 -12.92
CA MET A 34 21.53 10.91 -12.89
C MET A 34 21.75 9.58 -12.19
N ALA A 35 22.34 8.61 -12.89
CA ALA A 35 22.46 7.25 -12.41
C ALA A 35 23.90 6.78 -12.49
N TRP A 36 24.17 5.66 -11.83
CA TRP A 36 25.47 5.01 -11.86
C TRP A 36 25.29 3.57 -12.33
N PHE A 37 26.14 3.16 -13.26
CA PHE A 37 26.20 1.78 -13.71
C PHE A 37 27.64 1.31 -13.59
N ARG A 38 27.82 -0.02 -13.53
CA ARG A 38 29.15 -0.59 -13.44
C ARG A 38 29.26 -1.80 -14.36
N GLN A 39 30.50 -2.07 -14.71
CA GLN A 39 30.83 -3.16 -15.58
C GLN A 39 32.12 -3.77 -15.25
N ALA A 40 32.15 -5.06 -14.88
CA ALA A 40 33.40 -5.76 -14.64
C ALA A 40 33.69 -6.71 -15.79
N PRO A 41 34.95 -7.17 -15.91
CA PRO A 41 35.23 -8.01 -17.08
C PRO A 41 34.47 -9.28 -17.09
N GLY A 42 34.03 -9.71 -18.27
CA GLY A 42 33.27 -10.93 -18.42
C GLY A 42 31.84 -10.85 -17.94
N LYS A 43 31.32 -9.65 -17.69
CA LYS A 43 29.96 -9.47 -17.20
C LYS A 43 29.30 -8.35 -17.98
N GLU A 44 28.03 -8.10 -17.67
CA GLU A 44 27.24 -7.08 -18.34
C GLU A 44 27.14 -5.83 -17.47
N ARG A 45 26.72 -4.73 -18.10
CA ARG A 45 26.59 -3.45 -17.40
C ARG A 45 25.47 -3.53 -16.38
N GLU A 46 25.77 -3.12 -15.14
CA GLU A 46 24.88 -3.35 -14.01
C GLU A 46 24.53 -2.02 -13.33
N PHE A 47 23.25 -1.86 -13.00
CA PHE A 47 22.79 -0.67 -12.29
C PHE A 47 23.39 -0.63 -10.89
N VAL A 48 23.69 0.57 -10.42
CA VAL A 48 24.25 0.77 -9.08
C VAL A 48 23.29 1.62 -8.25
N ALA A 49 23.04 2.85 -8.70
CA ALA A 49 22.15 3.76 -7.99
C ALA A 49 21.77 4.90 -8.90
N ALA A 50 20.61 5.49 -8.65
CA ALA A 50 20.11 6.63 -9.41
C ALA A 50 19.51 7.66 -8.46
N ILE A 51 19.52 8.92 -8.92
CA ILE A 51 18.95 10.02 -8.15
C ILE A 51 18.15 10.90 -9.09
N ARG A 52 16.97 11.33 -8.63
CA ARG A 52 16.16 12.32 -9.35
C ARG A 52 16.59 13.70 -8.88
N LEU A 53 17.16 14.49 -9.79
CA LEU A 53 17.67 15.80 -9.41
C LEU A 53 16.54 16.73 -8.98
N SER A 54 15.39 16.65 -9.65
CA SER A 54 14.30 17.55 -9.32
C SER A 54 13.75 17.29 -7.92
N TYR A 55 13.44 16.04 -7.62
CA TYR A 55 12.78 15.68 -6.36
C TYR A 55 13.73 15.08 -5.33
N GLY A 56 14.94 14.69 -5.72
CA GLY A 56 15.87 14.08 -4.80
C GLY A 56 15.62 12.61 -4.54
N SER A 57 14.70 11.98 -5.27
CA SER A 57 14.45 10.56 -5.10
C SER A 57 15.70 9.76 -5.43
N THR A 58 15.94 8.71 -4.65
CA THR A 58 17.12 7.88 -4.82
C THR A 58 16.71 6.41 -4.97
N TYR A 59 17.49 5.69 -5.76
CA TYR A 59 17.26 4.27 -6.00
C TYR A 59 18.59 3.53 -5.89
N TYR A 60 18.53 2.30 -5.40
CA TYR A 60 19.73 1.50 -5.21
C TYR A 60 19.49 0.07 -5.68
N ALA A 61 20.58 -0.60 -6.04
CA ALA A 61 20.56 -2.03 -6.30
C ALA A 61 20.76 -2.76 -4.99
N ASP A 62 20.07 -3.91 -4.85
CA ASP A 62 20.16 -4.67 -3.61
C ASP A 62 21.59 -5.13 -3.32
N SER A 63 22.43 -5.26 -4.32
CA SER A 63 23.82 -5.63 -4.11
C SER A 63 24.57 -4.60 -3.32
N VAL A 64 24.33 -3.33 -3.61
CA VAL A 64 25.02 -2.24 -2.94
C VAL A 64 24.16 -1.57 -1.88
N ARG A 65 22.90 -1.98 -1.74
CA ARG A 65 22.00 -1.34 -0.79
C ARG A 65 22.58 -1.41 0.62
N GLY A 66 22.45 -0.30 1.35
CA GLY A 66 22.94 -0.21 2.71
C GLY A 66 24.40 0.19 2.82
N ARG A 67 25.19 0.03 1.76
CA ARG A 67 26.59 0.42 1.74
C ARG A 67 26.83 1.69 0.94
N PHE A 68 26.15 1.84 -0.19
CA PHE A 68 26.35 2.95 -1.10
C PHE A 68 25.24 3.98 -0.88
N THR A 69 25.61 5.26 -0.86
CA THR A 69 24.66 6.35 -0.79
C THR A 69 24.96 7.34 -1.90
N ILE A 70 23.91 7.78 -2.60
CA ILE A 70 24.04 8.72 -3.71
C ILE A 70 23.39 10.04 -3.29
N SER A 71 24.14 11.13 -3.43
CA SER A 71 23.65 12.45 -3.07
C SER A 71 23.91 13.45 -4.19
N LYS A 72 23.66 14.72 -3.93
CA LYS A 72 23.85 15.76 -4.92
C LYS A 72 24.38 17.05 -4.33
N ASP A 73 25.54 17.50 -4.76
CA ASP A 73 26.09 18.78 -4.35
C ASP A 73 25.83 19.75 -5.50
N ASN A 74 24.63 20.31 -5.52
CA ASN A 74 24.25 21.18 -6.62
C ASN A 74 25.19 22.36 -6.83
N ALA A 75 25.88 22.77 -5.78
CA ALA A 75 26.73 23.96 -5.89
C ALA A 75 27.74 23.85 -7.03
N LYS A 76 28.05 22.62 -7.48
CA LYS A 76 28.98 22.42 -8.58
C LYS A 76 28.43 21.46 -9.64
N ASN A 77 27.10 21.30 -9.68
CA ASN A 77 26.51 20.43 -10.69
C ASN A 77 27.18 19.05 -10.66
N THR A 78 27.34 18.48 -9.48
CA THR A 78 27.98 17.19 -9.31
C THR A 78 27.09 16.28 -8.47
N VAL A 79 27.01 15.02 -8.86
CA VAL A 79 26.28 14.00 -8.12
C VAL A 79 27.32 13.03 -7.57
N ASN A 80 27.28 12.84 -6.25
CA ASN A 80 28.27 12.02 -5.61
C ASN A 80 27.78 10.66 -5.19
N LEU A 81 28.68 9.69 -5.22
CA LEU A 81 28.40 8.33 -4.79
C LEU A 81 29.47 7.92 -3.78
N ARG A 82 29.04 7.70 -2.53
CA ARG A 82 29.94 7.25 -1.47
C ARG A 82 29.80 5.74 -1.33
N MET A 83 30.93 5.04 -1.34
CA MET A 83 30.97 3.58 -1.27
C MET A 83 31.68 3.19 0.01
N ASN A 84 30.97 2.44 0.84
CA ASN A 84 31.53 1.99 2.10
C ASN A 84 31.60 0.48 2.19
N SER A 85 32.55 -0.04 2.94
CA SER A 85 32.73 -1.47 3.14
C SER A 85 32.76 -2.20 1.78
N LEU A 86 33.77 -1.85 0.98
CA LEU A 86 33.90 -2.38 -0.35
C LEU A 86 34.43 -3.82 -0.32
N LYS A 87 33.88 -4.65 -1.21
CA LYS A 87 34.27 -6.05 -1.33
C LYS A 87 34.86 -6.29 -2.71
N SER A 88 35.48 -7.46 -2.87
CA SER A 88 36.09 -7.81 -4.15
C SER A 88 35.06 -7.84 -5.27
N GLU A 89 33.81 -8.13 -4.94
CA GLU A 89 32.75 -8.19 -5.95
C GLU A 89 32.39 -6.82 -6.50
N ASP A 90 32.93 -5.75 -5.93
CA ASP A 90 32.65 -4.39 -6.39
C ASP A 90 33.67 -3.90 -7.42
N THR A 91 34.66 -4.72 -7.78
CA THR A 91 35.62 -4.32 -8.79
C THR A 91 34.94 -4.16 -10.14
N ALA A 92 35.06 -2.97 -10.73
CA ALA A 92 34.41 -2.68 -11.99
C ALA A 92 34.81 -1.31 -12.52
N ILE A 93 34.33 -0.95 -13.70
CA ILE A 93 34.39 0.41 -14.21
C ILE A 93 33.01 1.03 -14.01
N TYR A 94 32.98 2.20 -13.39
CA TYR A 94 31.73 2.85 -13.02
C TYR A 94 31.43 3.99 -13.99
N TYR A 95 30.22 3.99 -14.55
CA TYR A 95 29.79 4.98 -15.52
C TYR A 95 28.60 5.72 -14.96
N CYS A 96 28.71 7.04 -14.85
CA CYS A 96 27.55 7.88 -14.55
C CYS A 96 26.85 8.22 -15.84
N ALA A 97 25.52 8.14 -15.81
CA ALA A 97 24.70 8.40 -16.98
C ALA A 97 23.62 9.41 -16.62
N ALA A 98 23.14 10.13 -17.64
CA ALA A 98 22.12 11.16 -17.47
C ALA A 98 20.97 10.88 -18.40
N ALA A 99 19.75 10.95 -17.88
CA ALA A 99 18.53 10.78 -18.66
C ALA A 99 17.59 11.93 -18.37
N GLU A 100 16.95 12.43 -19.43
CA GLU A 100 15.97 13.49 -19.25
C GLU A 100 14.74 12.97 -18.51
N ASP A 101 14.24 13.77 -17.57
CA ASP A 101 13.03 13.42 -16.86
C ASP A 101 11.83 13.49 -17.81
N ARG A 102 11.01 12.45 -17.82
CA ARG A 102 9.87 12.39 -18.72
C ARG A 102 8.99 11.21 -18.36
N TRP A 103 7.86 11.12 -19.05
CA TRP A 103 6.87 10.08 -18.78
C TRP A 103 7.44 8.70 -19.11
N ALA A 104 7.14 7.73 -18.24
CA ALA A 104 7.53 6.34 -18.44
C ALA A 104 9.04 6.21 -18.62
N LEU A 105 9.77 6.58 -17.56
CA LEU A 105 11.22 6.48 -17.53
C LEU A 105 11.61 5.26 -16.70
N ALA A 106 12.27 4.30 -17.33
CA ALA A 106 12.78 3.13 -16.62
C ALA A 106 14.11 3.49 -15.99
N VAL A 107 14.13 3.65 -14.67
CA VAL A 107 15.31 4.21 -14.00
C VAL A 107 16.50 3.27 -14.09
N ARG A 108 16.27 1.96 -14.00
CA ARG A 108 17.36 1.00 -13.89
C ARG A 108 17.79 0.40 -15.22
N THR A 109 17.09 0.69 -16.32
CA THR A 109 17.45 0.14 -17.61
C THR A 109 18.49 1.04 -18.27
N ALA A 110 19.64 0.47 -18.63
CA ALA A 110 20.74 1.26 -19.16
C ALA A 110 20.35 1.96 -20.46
N THR A 111 19.47 1.35 -21.26
CA THR A 111 19.08 1.94 -22.53
C THR A 111 18.29 3.22 -22.36
N THR A 112 17.83 3.53 -21.14
CA THR A 112 17.07 4.75 -20.90
C THR A 112 17.96 5.99 -20.90
N TYR A 113 19.26 5.85 -20.69
CA TYR A 113 20.17 6.97 -20.50
C TYR A 113 20.89 7.26 -21.80
N ASN A 114 20.79 8.50 -22.28
CA ASN A 114 21.35 8.86 -23.57
C ASN A 114 22.69 9.52 -23.45
N TYR A 115 23.12 9.80 -22.24
CA TYR A 115 24.43 10.40 -22.01
C TYR A 115 25.18 9.53 -21.01
N TRP A 116 26.42 9.20 -21.36
CA TRP A 116 27.24 8.30 -20.56
C TRP A 116 28.62 8.89 -20.38
N GLY A 117 29.22 8.61 -19.23
CA GLY A 117 30.57 9.05 -18.97
C GLY A 117 31.62 8.12 -19.56
N GLN A 118 32.87 8.56 -19.48
CA GLN A 118 33.98 7.76 -19.98
C GLN A 118 34.33 6.58 -19.07
N GLY A 119 33.77 6.55 -17.86
CA GLY A 119 34.00 5.43 -16.96
C GLY A 119 35.23 5.59 -16.09
N THR A 120 35.05 5.48 -14.79
CA THR A 120 36.15 5.55 -13.83
C THR A 120 36.25 4.21 -13.12
N GLN A 121 37.44 3.62 -13.14
CA GLN A 121 37.61 2.27 -12.62
C GLN A 121 37.80 2.27 -11.12
N VAL A 122 37.23 1.25 -10.48
CA VAL A 122 37.41 1.02 -9.05
C VAL A 122 37.78 -0.44 -8.88
N THR A 123 39.05 -0.70 -8.59
CA THR A 123 39.55 -2.06 -8.38
C THR A 123 39.76 -2.24 -6.88
N VAL A 124 39.13 -3.26 -6.32
CA VAL A 124 39.14 -3.51 -4.89
C VAL A 124 40.03 -4.73 -4.65
N SER A 125 41.14 -4.53 -3.96
CA SER A 125 42.13 -5.58 -3.71
C SER A 125 41.94 -6.13 -2.30
N SER A 126 41.79 -7.44 -2.18
CA SER A 126 41.69 -8.10 -0.89
C SER A 126 43.06 -8.62 -0.47
N HIS A 127 43.55 -8.14 0.66
CA HIS A 127 44.87 -8.50 1.14
C HIS A 127 44.97 -10.01 1.36
N SER B 11 -26.09 -24.86 17.44
CA SER B 11 -25.56 -25.35 16.18
C SER B 11 -24.72 -24.28 15.48
N TRP B 12 -25.18 -23.02 15.60
CA TRP B 12 -24.46 -21.90 15.02
C TRP B 12 -23.37 -21.36 15.91
N ILE B 13 -23.33 -21.78 17.18
CA ILE B 13 -22.38 -21.20 18.12
C ILE B 13 -20.96 -21.69 17.84
N TYR B 14 -20.81 -22.99 17.53
CA TYR B 14 -19.46 -23.51 17.32
C TYR B 14 -18.80 -22.91 16.08
N PRO B 15 -19.38 -23.00 14.89
CA PRO B 15 -18.74 -22.36 13.73
C PRO B 15 -18.53 -20.88 13.92
N THR B 16 -19.50 -20.19 14.53
CA THR B 16 -19.38 -18.76 14.72
C THR B 16 -18.22 -18.40 15.64
N VAL B 17 -18.08 -19.12 16.75
CA VAL B 17 -17.01 -18.83 17.70
C VAL B 17 -15.65 -19.14 17.07
N ILE B 18 -15.55 -20.25 16.34
CA ILE B 18 -14.26 -20.59 15.74
C ILE B 18 -13.89 -19.57 14.66
N LEU B 19 -14.86 -19.17 13.83
CA LEU B 19 -14.59 -18.17 12.81
C LEU B 19 -14.22 -16.83 13.43
N CYS B 20 -14.88 -16.45 14.51
CA CYS B 20 -14.57 -15.21 15.17
C CYS B 20 -13.18 -15.24 15.81
N LEU B 21 -12.77 -16.36 16.35
CA LEU B 21 -11.42 -16.48 16.88
C LEU B 21 -10.39 -16.35 15.76
N PHE B 22 -10.61 -17.05 14.65
CA PHE B 22 -9.69 -16.95 13.52
C PHE B 22 -9.59 -15.51 13.02
N GLY B 23 -10.74 -14.84 12.86
CA GLY B 23 -10.73 -13.48 12.36
C GLY B 23 -10.02 -12.53 13.31
N PHE B 24 -10.29 -12.64 14.61
CA PHE B 24 -9.63 -11.79 15.58
C PHE B 24 -8.12 -11.95 15.52
N PHE B 25 -7.65 -13.20 15.59
CA PHE B 25 -6.21 -13.42 15.63
C PHE B 25 -5.54 -13.11 14.30
N SER B 26 -6.27 -13.18 13.20
CA SER B 26 -5.71 -12.80 11.90
C SER B 26 -5.60 -11.29 11.76
N MET B 27 -6.60 -10.55 12.26
CA MET B 27 -6.61 -9.11 12.10
C MET B 27 -5.80 -8.38 13.16
N MET B 28 -5.33 -9.08 14.20
CA MET B 28 -4.51 -8.48 15.24
C MET B 28 -3.06 -8.50 14.76
N ARG B 29 -2.58 -7.35 14.28
CA ARG B 29 -1.24 -7.26 13.68
C ARG B 29 -0.59 -5.96 14.15
N PRO B 30 0.16 -6.00 15.25
CA PRO B 30 0.73 -4.75 15.78
C PRO B 30 1.73 -4.08 14.86
N SER B 31 2.30 -4.79 13.88
CA SER B 31 3.30 -4.21 13.00
C SER B 31 2.72 -3.43 11.83
N GLU B 32 1.43 -3.48 11.61
CA GLU B 32 0.87 -2.85 10.44
C GLU B 32 0.89 -1.31 10.48
N PRO B 33 0.70 -0.69 11.66
CA PRO B 33 0.82 0.78 11.71
C PRO B 33 2.22 1.30 11.45
N PHE B 34 3.25 0.49 11.67
CA PHE B 34 4.64 0.92 11.57
C PHE B 34 5.35 0.24 10.40
N LEU B 35 4.62 0.01 9.31
CA LEU B 35 5.22 -0.62 8.13
C LEU B 35 6.27 0.27 7.49
N ILE B 36 5.90 1.53 7.21
CA ILE B 36 6.84 2.45 6.57
C ILE B 36 8.04 2.72 7.46
N PRO B 37 7.89 3.03 8.75
CA PRO B 37 9.07 3.17 9.62
C PRO B 37 9.92 1.92 9.66
N TYR B 38 9.34 0.74 9.41
CA TYR B 38 10.10 -0.50 9.41
C TYR B 38 10.81 -0.72 8.07
N LEU B 39 10.08 -0.56 6.96
CA LEU B 39 10.69 -0.76 5.65
C LEU B 39 11.80 0.24 5.38
N SER B 40 11.61 1.49 5.78
CA SER B 40 12.60 2.54 5.57
C SER B 40 13.64 2.61 6.68
N GLY B 41 13.55 1.74 7.69
CA GLY B 41 14.45 1.77 8.81
C GLY B 41 15.76 1.08 8.51
N PRO B 42 16.64 1.07 9.51
CA PRO B 42 17.98 0.49 9.30
C PRO B 42 17.97 -0.98 8.92
N ASP B 43 16.90 -1.69 9.22
CA ASP B 43 16.85 -3.13 8.99
C ASP B 43 16.47 -3.54 7.57
N LYS B 44 16.04 -2.60 6.76
CA LYS B 44 15.71 -2.91 5.38
C LYS B 44 16.33 -1.90 4.41
N ASN B 45 16.47 -0.65 4.84
CA ASN B 45 17.11 0.40 4.05
C ASN B 45 16.45 0.64 2.71
N LEU B 46 15.13 0.67 2.70
CA LEU B 46 14.36 0.92 1.48
C LEU B 46 14.00 2.40 1.39
N THR B 47 14.26 2.99 0.22
CA THR B 47 14.00 4.39 0.00
C THR B 47 12.51 4.65 -0.20
N SER B 48 12.10 5.88 0.04
CA SER B 48 10.70 6.24 -0.11
C SER B 48 10.22 6.14 -1.54
N ALA B 49 11.06 6.48 -2.50
CA ALA B 49 10.69 6.34 -3.90
C ALA B 49 10.53 4.87 -4.27
N GLU B 50 11.44 4.01 -3.80
CA GLU B 50 11.33 2.59 -4.10
C GLU B 50 10.08 1.99 -3.46
N ILE B 51 9.77 2.38 -2.23
CA ILE B 51 8.60 1.85 -1.55
C ILE B 51 7.32 2.28 -2.27
N THR B 52 7.25 3.56 -2.67
CA THR B 52 5.99 4.10 -3.19
C THR B 52 5.81 3.81 -4.67
N ASN B 53 6.87 3.86 -5.47
CA ASN B 53 6.70 3.72 -6.91
C ASN B 53 7.19 2.42 -7.50
N GLU B 54 7.68 1.50 -6.66
CA GLU B 54 8.06 0.18 -7.17
C GLU B 54 7.44 -0.97 -6.39
N ILE B 55 7.32 -0.85 -5.08
CA ILE B 55 6.87 -1.95 -4.23
C ILE B 55 5.36 -1.87 -4.03
N PHE B 56 4.91 -0.77 -3.43
CA PHE B 56 3.50 -0.67 -3.05
C PHE B 56 2.54 -0.86 -4.22
N PRO B 57 2.80 -0.36 -5.42
CA PRO B 57 1.83 -0.56 -6.51
C PRO B 57 1.51 -2.03 -6.78
N VAL B 58 2.47 -2.94 -6.52
CA VAL B 58 2.27 -4.34 -6.84
C VAL B 58 1.09 -4.95 -6.08
N TRP B 59 0.74 -4.40 -4.92
CA TRP B 59 -0.39 -4.93 -4.17
C TRP B 59 -1.69 -4.80 -4.96
N THR B 60 -1.90 -3.65 -5.61
CA THR B 60 -3.12 -3.45 -6.38
C THR B 60 -3.18 -4.38 -7.58
N TYR B 61 -2.05 -4.57 -8.26
CA TYR B 61 -2.02 -5.44 -9.43
C TYR B 61 -2.40 -6.87 -9.06
N SER B 62 -1.77 -7.41 -8.01
CA SER B 62 -2.05 -8.78 -7.61
C SER B 62 -3.47 -8.93 -7.08
N TYR B 63 -3.96 -7.92 -6.34
CA TYR B 63 -5.33 -7.98 -5.83
C TYR B 63 -6.32 -8.00 -6.98
N LEU B 64 -6.12 -7.15 -7.99
CA LEU B 64 -7.02 -7.13 -9.15
C LEU B 64 -6.94 -8.44 -9.92
N VAL B 65 -5.72 -8.96 -10.13
CA VAL B 65 -5.56 -10.17 -10.94
C VAL B 65 -6.17 -11.37 -10.24
N LEU B 66 -6.03 -11.45 -8.91
CA LEU B 66 -6.45 -12.63 -8.16
C LEU B 66 -7.89 -12.58 -7.69
N LEU B 67 -8.59 -11.45 -7.86
CA LEU B 67 -9.91 -11.30 -7.26
C LEU B 67 -10.89 -12.32 -7.79
N LEU B 68 -11.21 -12.25 -9.09
CA LEU B 68 -12.24 -13.13 -9.65
C LEU B 68 -11.87 -14.60 -9.55
N PRO B 69 -10.66 -15.03 -9.90
CA PRO B 69 -10.33 -16.45 -9.72
C PRO B 69 -10.50 -16.92 -8.29
N VAL B 70 -10.13 -16.09 -7.32
CA VAL B 70 -10.28 -16.48 -5.92
C VAL B 70 -11.76 -16.59 -5.55
N PHE B 71 -12.60 -15.70 -6.07
CA PHE B 71 -14.04 -15.79 -5.82
C PHE B 71 -14.60 -17.11 -6.37
N VAL B 72 -14.25 -17.43 -7.61
CA VAL B 72 -14.78 -18.64 -8.23
C VAL B 72 -14.28 -19.88 -7.49
N LEU B 73 -12.99 -19.90 -7.14
CA LEU B 73 -12.46 -21.02 -6.37
C LEU B 73 -13.13 -21.15 -5.02
N THR B 74 -13.38 -20.02 -4.36
CA THR B 74 -13.99 -20.04 -3.03
C THR B 74 -15.32 -20.77 -2.99
N ASP B 75 -16.28 -20.33 -3.80
CA ASP B 75 -17.60 -20.94 -3.81
C ASP B 75 -17.52 -22.41 -4.16
N TYR B 76 -16.66 -22.78 -5.09
CA TYR B 76 -16.59 -24.18 -5.56
C TYR B 76 -15.92 -25.15 -4.61
N VAL B 77 -14.93 -24.68 -3.85
CA VAL B 77 -14.22 -25.53 -2.92
C VAL B 77 -14.88 -25.48 -1.55
N ARG B 78 -16.02 -24.81 -1.45
CA ARG B 78 -16.77 -24.70 -0.19
C ARG B 78 -16.16 -23.79 0.85
N TYR B 79 -15.49 -22.72 0.43
CA TYR B 79 -14.98 -21.71 1.38
C TYR B 79 -13.86 -22.07 2.33
N LYS B 80 -14.02 -23.11 3.13
CA LYS B 80 -13.00 -23.41 4.14
C LYS B 80 -11.60 -23.48 3.55
N PRO B 81 -11.41 -24.24 2.46
CA PRO B 81 -10.06 -24.41 1.93
C PRO B 81 -9.41 -23.08 1.57
N VAL B 82 -10.18 -22.09 1.13
CA VAL B 82 -9.65 -20.78 0.81
C VAL B 82 -9.22 -20.06 2.07
N ILE B 83 -10.03 -20.13 3.12
CA ILE B 83 -9.65 -19.52 4.39
C ILE B 83 -8.30 -20.06 4.84
N ILE B 84 -8.14 -21.38 4.83
CA ILE B 84 -6.86 -21.98 5.19
C ILE B 84 -5.76 -21.45 4.28
N LEU B 85 -6.06 -21.26 2.99
CA LEU B 85 -5.09 -20.67 2.08
C LEU B 85 -4.76 -19.24 2.48
N GLN B 86 -5.76 -18.50 2.95
CA GLN B 86 -5.51 -17.14 3.44
C GLN B 86 -4.59 -17.16 4.65
N GLY B 87 -4.79 -18.13 5.56
CA GLY B 87 -3.89 -18.26 6.70
C GLY B 87 -2.47 -18.58 6.26
N ILE B 88 -2.31 -19.49 5.30
CA ILE B 88 -0.99 -19.82 4.78
C ILE B 88 -0.35 -18.60 4.16
N SER B 89 -1.14 -17.81 3.43
CA SER B 89 -0.62 -16.60 2.80
C SER B 89 -0.19 -15.58 3.84
N PHE B 90 -0.97 -15.44 4.92
CA PHE B 90 -0.56 -14.57 6.02
C PHE B 90 0.79 -15.00 6.58
N ILE B 91 0.94 -16.31 6.83
CA ILE B 91 2.18 -16.82 7.42
C ILE B 91 3.36 -16.53 6.50
N ILE B 92 3.20 -16.83 5.20
CA ILE B 92 4.28 -16.62 4.25
C ILE B 92 4.62 -15.13 4.15
N THR B 93 3.58 -14.28 4.09
CA THR B 93 3.80 -12.85 3.95
C THR B 93 4.61 -12.32 5.12
N TRP B 94 4.24 -12.60 6.36
CA TRP B 94 5.04 -12.14 7.51
C TRP B 94 6.36 -12.83 7.67
N LEU B 95 6.51 -14.08 7.26
CA LEU B 95 7.85 -14.66 7.25
C LEU B 95 8.77 -13.89 6.32
N LEU B 96 8.28 -13.58 5.11
CA LEU B 96 9.08 -12.79 4.18
C LEU B 96 9.35 -11.39 4.72
N LEU B 97 8.34 -10.78 5.33
CA LEU B 97 8.52 -9.46 5.92
C LEU B 97 9.56 -9.49 7.04
N LEU B 98 9.61 -10.57 7.82
CA LEU B 98 10.56 -10.66 8.91
C LEU B 98 11.98 -10.90 8.41
N PHE B 99 12.14 -11.79 7.42
CA PHE B 99 13.47 -12.19 6.97
C PHE B 99 13.78 -11.85 5.51
N GLY B 100 12.85 -11.21 4.81
CA GLY B 100 13.13 -10.82 3.44
C GLY B 100 14.09 -9.65 3.35
N GLN B 101 14.67 -9.44 2.17
CA GLN B 101 15.61 -8.33 1.95
C GLN B 101 15.65 -7.96 0.47
N GLY B 102 15.81 -6.70 0.15
CA GLY B 102 15.79 -6.19 -1.20
C GLY B 102 14.43 -5.69 -1.63
N VAL B 103 14.38 -5.19 -2.87
CA VAL B 103 13.13 -4.68 -3.41
C VAL B 103 12.28 -5.81 -3.99
N LYS B 104 12.92 -6.78 -4.65
CA LYS B 104 12.17 -7.88 -5.26
C LYS B 104 11.43 -8.68 -4.20
N THR B 105 12.08 -8.96 -3.06
CA THR B 105 11.43 -9.68 -1.99
C THR B 105 10.20 -8.92 -1.49
N MET B 106 10.29 -7.60 -1.43
CA MET B 106 9.12 -6.81 -1.02
C MET B 106 8.02 -6.86 -2.06
N GLN B 107 8.37 -6.98 -3.35
CA GLN B 107 7.34 -7.17 -4.37
C GLN B 107 6.65 -8.52 -4.20
N VAL B 108 7.40 -9.56 -3.85
CA VAL B 108 6.79 -10.85 -3.55
C VAL B 108 5.88 -10.74 -2.34
N VAL B 109 6.33 -9.99 -1.32
CA VAL B 109 5.50 -9.76 -0.14
C VAL B 109 4.20 -9.07 -0.53
N GLU B 110 4.27 -8.08 -1.41
CA GLU B 110 3.07 -7.38 -1.85
C GLU B 110 2.15 -8.30 -2.63
N PHE B 111 2.72 -9.18 -3.46
CA PHE B 111 1.90 -10.14 -4.19
C PHE B 111 1.15 -11.06 -3.22
N PHE B 112 1.85 -11.56 -2.20
CA PHE B 112 1.19 -12.44 -1.24
C PHE B 112 0.18 -11.69 -0.39
N TYR B 113 0.43 -10.42 -0.07
CA TYR B 113 -0.56 -9.63 0.64
C TYR B 113 -1.81 -9.41 -0.21
N GLY B 114 -1.62 -9.15 -1.51
CA GLY B 114 -2.77 -9.06 -2.40
C GLY B 114 -3.54 -10.36 -2.49
N MET B 115 -2.83 -11.49 -2.47
CA MET B 115 -3.51 -12.78 -2.39
C MET B 115 -4.32 -12.88 -1.10
N VAL B 116 -3.75 -12.43 0.01
CA VAL B 116 -4.46 -12.45 1.29
C VAL B 116 -5.75 -11.64 1.18
N THR B 117 -5.65 -10.42 0.65
CA THR B 117 -6.82 -9.55 0.59
C THR B 117 -7.90 -10.14 -0.33
N ALA B 118 -7.50 -10.71 -1.46
CA ALA B 118 -8.47 -11.30 -2.37
C ALA B 118 -9.19 -12.50 -1.76
N ALA B 119 -8.58 -13.14 -0.76
CA ALA B 119 -9.16 -14.31 -0.12
C ALA B 119 -10.08 -13.97 1.04
N GLU B 120 -10.21 -12.68 1.39
CA GLU B 120 -11.08 -12.29 2.49
C GLU B 120 -12.55 -12.51 2.18
N VAL B 121 -12.91 -12.76 0.92
CA VAL B 121 -14.31 -13.04 0.59
C VAL B 121 -14.77 -14.33 1.26
N ALA B 122 -13.87 -15.30 1.39
CA ALA B 122 -14.24 -16.57 2.00
C ALA B 122 -14.62 -16.39 3.47
N TYR B 123 -13.94 -15.48 4.18
CA TYR B 123 -14.22 -15.30 5.60
C TYR B 123 -15.65 -14.86 5.84
N TYR B 124 -16.16 -13.93 5.04
CA TYR B 124 -17.50 -13.41 5.23
C TYR B 124 -18.57 -14.25 4.53
N ALA B 125 -18.22 -14.90 3.43
CA ALA B 125 -19.17 -15.77 2.75
C ALA B 125 -19.29 -17.15 3.39
N TYR B 126 -18.36 -17.50 4.28
CA TYR B 126 -18.39 -18.82 4.89
C TYR B 126 -19.64 -19.02 5.73
N ILE B 127 -20.04 -18.01 6.50
CA ILE B 127 -21.12 -18.18 7.48
C ILE B 127 -22.44 -18.51 6.79
N TYR B 128 -22.59 -18.11 5.53
CA TYR B 128 -23.85 -18.38 4.83
C TYR B 128 -24.13 -19.87 4.77
N SER B 129 -23.12 -20.67 4.44
CA SER B 129 -23.32 -22.09 4.17
C SER B 129 -23.34 -22.95 5.42
N VAL B 130 -23.03 -22.39 6.58
CA VAL B 130 -23.05 -23.15 7.83
C VAL B 130 -24.04 -22.60 8.85
N VAL B 131 -24.51 -21.36 8.71
CA VAL B 131 -25.41 -20.73 9.66
C VAL B 131 -26.78 -20.59 8.99
N SER B 132 -27.83 -20.75 9.79
CA SER B 132 -29.19 -20.68 9.26
C SER B 132 -29.47 -19.27 8.74
N PRO B 133 -30.36 -19.14 7.75
CA PRO B 133 -30.67 -17.79 7.24
C PRO B 133 -31.28 -16.87 8.29
N GLU B 134 -31.86 -17.43 9.34
CA GLU B 134 -32.42 -16.63 10.42
C GLU B 134 -31.37 -16.01 11.31
N HIS B 135 -30.18 -16.59 11.31
CA HIS B 135 -29.08 -16.15 12.18
C HIS B 135 -28.01 -15.40 11.41
N TYR B 136 -28.24 -15.07 10.13
CA TYR B 136 -27.20 -14.45 9.33
C TYR B 136 -26.82 -13.08 9.84
N GLN B 137 -27.81 -12.26 10.21
CA GLN B 137 -27.53 -10.86 10.55
C GLN B 137 -26.60 -10.78 11.76
N ARG B 138 -26.96 -11.47 12.85
CA ARG B 138 -26.19 -11.35 14.09
C ARG B 138 -24.80 -11.94 13.94
N VAL B 139 -24.68 -13.07 13.23
CA VAL B 139 -23.37 -13.70 13.07
C VAL B 139 -22.46 -12.83 12.22
N SER B 140 -22.99 -12.26 11.13
CA SER B 140 -22.18 -11.37 10.30
C SER B 140 -21.74 -10.14 11.07
N GLY B 141 -22.67 -9.54 11.83
CA GLY B 141 -22.29 -8.42 12.67
C GLY B 141 -21.22 -8.78 13.68
N TYR B 142 -21.34 -9.97 14.28
CA TYR B 142 -20.34 -10.43 15.23
C TYR B 142 -18.96 -10.52 14.57
N CYS B 143 -18.90 -11.12 13.39
CA CYS B 143 -17.62 -11.29 12.71
C CYS B 143 -17.01 -9.98 12.26
N ARG B 144 -17.82 -9.03 11.81
CA ARG B 144 -17.30 -7.71 11.43
C ARG B 144 -16.81 -6.94 12.64
N SER B 145 -17.59 -6.94 13.73
CA SER B 145 -17.18 -6.23 14.93
C SER B 145 -15.91 -6.85 15.52
N VAL B 146 -15.79 -8.17 15.48
CA VAL B 146 -14.60 -8.82 16.00
C VAL B 146 -13.37 -8.39 15.21
N THR B 147 -13.49 -8.35 13.88
CA THR B 147 -12.36 -7.92 13.07
C THR B 147 -11.98 -6.48 13.38
N LEU B 148 -12.96 -5.59 13.49
CA LEU B 148 -12.67 -4.19 13.78
C LEU B 148 -11.98 -4.05 15.14
N ALA B 149 -12.50 -4.73 16.16
CA ALA B 149 -11.91 -4.66 17.48
C ALA B 149 -10.50 -5.23 17.47
N ALA B 150 -10.28 -6.31 16.73
CA ALA B 150 -8.95 -6.89 16.64
C ALA B 150 -7.95 -5.89 16.06
N TYR B 151 -8.33 -5.22 14.97
CA TYR B 151 -7.43 -4.25 14.37
C TYR B 151 -7.14 -3.09 15.31
N THR B 152 -8.19 -2.56 15.96
CA THR B 152 -7.98 -1.43 16.87
C THR B 152 -7.09 -1.83 18.05
N ALA B 153 -7.33 -3.00 18.63
CA ALA B 153 -6.51 -3.46 19.74
C ALA B 153 -5.06 -3.67 19.30
N GLY B 154 -4.86 -4.22 18.11
CA GLY B 154 -3.50 -4.37 17.61
C GLY B 154 -2.79 -3.04 17.48
N SER B 155 -3.48 -2.04 16.94
CA SER B 155 -2.86 -0.71 16.81
C SER B 155 -2.53 -0.13 18.19
N VAL B 156 -3.45 -0.26 19.14
CA VAL B 156 -3.22 0.30 20.48
C VAL B 156 -2.03 -0.39 21.13
N LEU B 157 -1.95 -1.72 21.03
CA LEU B 157 -0.81 -2.43 21.59
C LEU B 157 0.48 -2.04 20.90
N ALA B 158 0.46 -1.87 19.59
CA ALA B 158 1.65 -1.45 18.87
C ALA B 158 2.15 -0.11 19.39
N GLN B 159 1.24 0.84 19.58
CA GLN B 159 1.65 2.13 20.13
C GLN B 159 2.19 1.99 21.55
N LEU B 160 1.51 1.19 22.38
CA LEU B 160 1.92 1.05 23.78
C LEU B 160 3.32 0.46 23.89
N LEU B 161 3.62 -0.54 23.06
CA LEU B 161 4.93 -1.19 23.13
C LEU B 161 6.03 -0.25 22.64
N VAL B 162 5.78 0.47 21.54
CA VAL B 162 6.81 1.33 20.97
C VAL B 162 7.15 2.46 21.92
N SER B 163 6.14 3.03 22.59
CA SER B 163 6.38 4.21 23.43
C SER B 163 6.84 3.81 24.83
N LEU B 164 6.03 3.02 25.54
CA LEU B 164 6.34 2.70 26.93
C LEU B 164 7.35 1.57 27.04
N ALA B 165 7.10 0.47 26.32
CA ALA B 165 7.99 -0.69 26.41
C ALA B 165 9.29 -0.47 25.65
N ASN B 166 9.28 0.38 24.62
CA ASN B 166 10.48 0.70 23.83
C ASN B 166 10.86 -0.44 22.90
N MET B 167 9.87 -1.20 22.42
CA MET B 167 10.16 -2.31 21.52
C MET B 167 10.52 -1.80 20.13
N SER B 168 11.26 -2.62 19.40
CA SER B 168 11.66 -2.30 18.04
C SER B 168 10.60 -2.78 17.05
N TYR B 169 10.72 -2.31 15.82
CA TYR B 169 9.76 -2.70 14.77
C TYR B 169 9.94 -4.15 14.36
N PHE B 170 11.13 -4.73 14.56
CA PHE B 170 11.32 -6.14 14.26
C PHE B 170 10.45 -7.02 15.15
N TYR B 171 10.39 -6.72 16.44
CA TYR B 171 9.62 -7.53 17.38
C TYR B 171 8.13 -7.29 17.27
N LEU B 172 7.69 -6.21 16.63
CA LEU B 172 6.28 -6.06 16.32
C LEU B 172 5.85 -7.04 15.24
N ASN B 173 6.73 -7.38 14.31
CA ASN B 173 6.40 -8.35 13.26
C ASN B 173 6.46 -9.75 13.79
N VAL B 174 7.23 -9.99 14.83
CA VAL B 174 7.21 -11.31 15.47
C VAL B 174 5.84 -11.56 16.09
N ILE B 175 5.29 -10.55 16.75
CA ILE B 175 3.98 -10.70 17.36
C ILE B 175 2.91 -10.93 16.29
N SER B 176 2.99 -10.20 15.18
CA SER B 176 2.03 -10.41 14.10
C SER B 176 2.16 -11.80 13.50
N LEU B 177 3.39 -12.30 13.34
CA LEU B 177 3.58 -13.65 12.85
C LEU B 177 2.97 -14.67 13.80
N ALA B 178 3.18 -14.48 15.10
CA ALA B 178 2.58 -15.40 16.08
C ALA B 178 1.06 -15.34 16.02
N SER B 179 0.50 -14.14 15.88
CA SER B 179 -0.96 -14.00 15.83
C SER B 179 -1.53 -14.68 14.60
N VAL B 180 -0.91 -14.49 13.44
CA VAL B 180 -1.42 -15.12 12.23
C VAL B 180 -1.22 -16.63 12.28
N SER B 181 -0.14 -17.10 12.92
CA SER B 181 0.03 -18.54 13.09
C SER B 181 -1.08 -19.11 13.96
N VAL B 182 -1.43 -18.42 15.04
CA VAL B 182 -2.54 -18.88 15.89
C VAL B 182 -3.84 -18.88 15.10
N ALA B 183 -4.07 -17.84 14.30
CA ALA B 183 -5.28 -17.78 13.48
C ALA B 183 -5.34 -18.95 12.51
N PHE B 184 -4.21 -19.27 11.87
CA PHE B 184 -4.17 -20.43 10.98
C PHE B 184 -4.48 -21.71 11.75
N LEU B 185 -3.89 -21.87 12.93
CA LEU B 185 -4.19 -23.04 13.75
C LEU B 185 -5.66 -23.12 14.11
N PHE B 186 -6.33 -21.97 14.23
CA PHE B 186 -7.76 -21.96 14.46
C PHE B 186 -8.55 -22.31 13.21
N SER B 187 -7.96 -22.08 12.03
CA SER B 187 -8.69 -22.31 10.78
C SER B 187 -8.90 -23.78 10.51
N LEU B 188 -7.98 -24.64 10.94
CA LEU B 188 -8.05 -26.07 10.67
C LEU B 188 -9.13 -26.78 11.45
N PHE B 189 -9.99 -26.07 12.19
CA PHE B 189 -11.06 -26.70 12.97
C PHE B 189 -12.44 -26.23 12.57
N LEU B 190 -12.57 -25.36 11.57
CA LEU B 190 -13.89 -24.91 11.16
C LEU B 190 -14.64 -26.04 10.47
N PRO B 191 -15.94 -26.18 10.71
CA PRO B 191 -16.71 -27.21 9.98
C PRO B 191 -16.68 -26.97 8.49
N MET B 192 -16.64 -28.06 7.73
CA MET B 192 -16.69 -27.96 6.27
C MET B 192 -18.11 -27.60 5.85
N PRO B 193 -18.33 -26.50 5.13
CA PRO B 193 -19.67 -26.24 4.59
C PRO B 193 -20.12 -27.35 3.66
N LYS B 194 -21.39 -27.71 3.75
CA LYS B 194 -21.94 -28.81 2.98
C LYS B 194 -22.53 -28.35 1.64
N LYS B 195 -22.60 -27.05 1.40
CA LYS B 195 -23.19 -26.52 0.18
C LYS B 195 -22.58 -25.16 -0.11
N SER B 196 -23.00 -24.56 -1.21
CA SER B 196 -22.55 -23.22 -1.59
C SER B 196 -23.65 -22.55 -2.39
N MET B 197 -23.60 -21.23 -2.44
CA MET B 197 -24.70 -20.46 -3.02
C MET B 197 -24.89 -20.77 -4.50
N PHE B 198 -23.82 -20.68 -5.29
CA PHE B 198 -23.93 -20.74 -6.74
C PHE B 198 -23.66 -22.13 -7.29
N PHE B 199 -22.49 -22.69 -7.02
CA PHE B 199 -22.13 -23.97 -7.60
C PHE B 199 -22.95 -25.11 -7.02
N HIS B 200 -23.20 -25.08 -5.71
CA HIS B 200 -23.82 -26.20 -5.01
C HIS B 200 -25.14 -25.81 -4.37
N ALA B 201 -25.99 -25.12 -5.12
CA ALA B 201 -27.31 -24.74 -4.63
C ALA B 201 -28.21 -25.97 -4.53
N GLU B 271 -28.49 -9.24 -13.81
CA GLU B 271 -29.47 -8.36 -14.41
C GLU B 271 -30.14 -7.46 -13.36
N CYS B 272 -29.57 -7.45 -12.15
CA CYS B 272 -30.10 -6.60 -11.08
C CYS B 272 -29.63 -5.16 -11.26
N TYR B 273 -28.62 -4.94 -12.09
CA TYR B 273 -28.14 -3.59 -12.38
C TYR B 273 -29.12 -2.80 -13.24
N SER B 274 -30.15 -3.44 -13.79
CA SER B 274 -31.11 -2.71 -14.62
C SER B 274 -31.73 -1.55 -13.86
N SER B 275 -31.94 -1.70 -12.55
CA SER B 275 -32.43 -0.60 -11.74
C SER B 275 -31.40 0.54 -11.74
N LYS B 276 -31.87 1.76 -12.00
CA LYS B 276 -30.96 2.89 -12.09
C LYS B 276 -30.30 3.19 -10.75
N ARG B 277 -31.07 3.08 -9.65
CA ARG B 277 -30.52 3.38 -8.34
C ARG B 277 -29.35 2.48 -8.01
N LEU B 278 -29.46 1.19 -8.33
CA LEU B 278 -28.36 0.27 -8.04
C LEU B 278 -27.11 0.68 -8.81
N PHE B 279 -27.26 1.04 -10.08
CA PHE B 279 -26.11 1.46 -10.88
C PHE B 279 -25.47 2.70 -10.27
N TYR B 280 -26.28 3.69 -9.92
CA TYR B 280 -25.75 4.95 -9.41
C TYR B 280 -25.03 4.75 -8.08
N TRP B 281 -25.66 4.04 -7.15
CA TRP B 281 -25.05 3.81 -5.85
C TRP B 281 -23.80 2.95 -5.97
N SER B 282 -23.83 1.97 -6.87
CA SER B 282 -22.66 1.13 -7.09
C SER B 282 -21.50 1.96 -7.61
N LEU B 283 -21.79 2.91 -8.50
CA LEU B 283 -20.73 3.75 -9.06
C LEU B 283 -20.00 4.53 -7.99
N TRP B 284 -20.76 5.22 -7.13
CA TRP B 284 -20.14 6.03 -6.10
C TRP B 284 -19.34 5.15 -5.16
N TRP B 285 -19.90 4.00 -4.80
CA TRP B 285 -19.20 3.07 -3.93
C TRP B 285 -17.88 2.66 -4.56
N ALA B 286 -17.92 2.30 -5.84
CA ALA B 286 -16.72 1.85 -6.52
C ALA B 286 -15.67 2.95 -6.58
N PHE B 287 -16.09 4.16 -6.91
CA PHE B 287 -15.15 5.26 -7.02
C PHE B 287 -14.64 5.70 -5.65
N ALA B 288 -15.53 5.77 -4.67
CA ALA B 288 -15.11 6.12 -3.33
C ALA B 288 -14.17 5.06 -2.75
N THR B 289 -14.46 3.78 -2.98
CA THR B 289 -13.60 2.73 -2.48
C THR B 289 -12.23 2.78 -3.14
N ALA B 290 -12.18 3.03 -4.45
CA ALA B 290 -10.89 3.16 -5.13
C ALA B 290 -10.07 4.29 -4.52
N GLY B 291 -10.70 5.46 -4.34
CA GLY B 291 -9.98 6.57 -3.73
C GLY B 291 -9.53 6.26 -2.31
N PHE B 292 -10.39 5.62 -1.53
CA PHE B 292 -10.05 5.30 -0.15
C PHE B 292 -8.87 4.34 -0.08
N ASN B 293 -8.86 3.30 -0.88
CA ASN B 293 -7.75 2.36 -0.87
C ASN B 293 -6.47 2.99 -1.41
N GLN B 294 -6.56 3.86 -2.40
CA GLN B 294 -5.36 4.54 -2.86
C GLN B 294 -4.78 5.43 -1.77
N VAL B 295 -5.64 6.17 -1.06
CA VAL B 295 -5.16 7.04 0.01
C VAL B 295 -4.56 6.21 1.15
N LEU B 296 -5.22 5.12 1.52
CA LEU B 296 -4.73 4.29 2.61
C LEU B 296 -3.36 3.71 2.29
N ASN B 297 -3.11 3.27 1.07
CA ASN B 297 -1.85 2.66 0.73
C ASN B 297 -0.66 3.57 0.88
N TYR B 298 -0.86 4.88 0.90
CA TYR B 298 0.27 5.80 0.91
C TYR B 298 0.22 6.84 2.02
N VAL B 299 -0.73 6.73 2.95
CA VAL B 299 -0.84 7.74 4.01
C VAL B 299 0.39 7.71 4.91
N GLN B 300 0.92 6.52 5.18
CA GLN B 300 2.09 6.41 6.05
C GLN B 300 3.33 7.02 5.40
N ILE B 301 3.48 6.90 4.08
CA ILE B 301 4.61 7.51 3.41
C ILE B 301 4.52 9.02 3.50
N LEU B 302 3.32 9.58 3.45
CA LEU B 302 3.15 11.01 3.64
C LEU B 302 3.59 11.43 5.05
N TRP B 303 3.21 10.63 6.05
CA TRP B 303 3.62 10.95 7.42
C TRP B 303 5.14 10.89 7.55
N ASP B 304 5.78 9.90 6.92
CA ASP B 304 7.23 9.84 6.93
C ASP B 304 7.83 11.06 6.25
N TYR B 305 7.23 11.50 5.14
CA TYR B 305 7.73 12.68 4.43
C TYR B 305 7.65 13.92 5.31
N LYS B 306 6.51 14.12 5.99
CA LYS B 306 6.35 15.31 6.81
C LYS B 306 7.10 15.21 8.13
N ALA B 307 7.15 14.01 8.73
CA ALA B 307 7.85 13.79 9.98
C ALA B 307 8.74 12.56 9.82
N PRO B 308 9.98 12.74 9.35
CA PRO B 308 10.89 11.59 9.21
C PRO B 308 10.96 10.77 10.48
N SER B 309 10.65 9.48 10.39
CA SER B 309 10.66 8.61 11.56
C SER B 309 11.99 8.48 12.23
N GLN B 310 13.06 8.69 11.49
CA GLN B 310 14.40 8.45 12.02
C GLN B 310 14.90 9.57 12.93
N ASP B 311 14.17 10.69 13.04
CA ASP B 311 14.62 11.81 13.84
C ASP B 311 13.57 12.40 14.76
N SER B 312 12.31 11.99 14.64
CA SER B 312 11.24 12.57 15.45
C SER B 312 10.31 11.46 15.94
N SER B 313 9.64 11.74 17.06
CA SER B 313 8.68 10.81 17.60
C SER B 313 7.46 10.69 16.68
N ILE B 314 6.98 9.47 16.51
CA ILE B 314 5.83 9.19 15.64
C ILE B 314 4.79 8.42 16.43
N TYR B 315 3.53 8.57 16.02
CA TYR B 315 2.38 8.01 16.72
C TYR B 315 1.46 7.32 15.72
N ASN B 316 2.03 6.47 14.90
CA ASN B 316 1.23 5.81 13.88
C ASN B 316 0.23 4.83 14.46
N GLY B 317 0.54 4.17 15.59
CA GLY B 317 -0.41 3.26 16.21
C GLY B 317 -1.61 3.97 16.80
N ALA B 318 -1.36 5.03 17.56
CA ALA B 318 -2.47 5.77 18.18
C ALA B 318 -3.34 6.42 17.11
N VAL B 319 -2.73 7.02 16.10
CA VAL B 319 -3.51 7.68 15.04
C VAL B 319 -4.36 6.65 14.30
N GLU B 320 -3.78 5.50 13.97
CA GLU B 320 -4.53 4.45 13.30
C GLU B 320 -5.70 3.95 14.16
N ALA B 321 -5.44 3.74 15.45
CA ALA B 321 -6.50 3.26 16.34
C ALA B 321 -7.63 4.28 16.44
N ILE B 322 -7.30 5.56 16.59
CA ILE B 322 -8.33 6.57 16.73
C ILE B 322 -9.11 6.72 15.44
N ALA B 323 -8.43 6.65 14.28
CA ALA B 323 -9.13 6.74 13.02
C ALA B 323 -10.07 5.55 12.82
N THR B 324 -9.62 4.35 13.17
CA THR B 324 -10.48 3.18 13.06
C THR B 324 -11.69 3.29 13.98
N PHE B 325 -11.48 3.74 15.21
CA PHE B 325 -12.60 3.91 16.13
C PHE B 325 -13.58 4.96 15.62
N GLY B 326 -13.07 6.07 15.08
CA GLY B 326 -13.95 7.08 14.52
C GLY B 326 -14.76 6.56 13.35
N GLY B 327 -14.13 5.79 12.47
CA GLY B 327 -14.86 5.20 11.36
C GLY B 327 -15.93 4.23 11.83
N ALA B 328 -15.61 3.41 12.83
CA ALA B 328 -16.59 2.48 13.37
C ALA B 328 -17.76 3.23 14.00
N VAL B 329 -17.47 4.29 14.75
CA VAL B 329 -18.54 5.07 15.37
C VAL B 329 -19.41 5.73 14.31
N ALA B 330 -18.80 6.23 13.24
CA ALA B 330 -19.57 6.83 12.15
C ALA B 330 -20.48 5.80 11.50
N ALA B 331 -19.94 4.60 11.22
CA ALA B 331 -20.76 3.56 10.62
C ALA B 331 -21.91 3.17 11.53
N PHE B 332 -21.65 3.06 12.83
CA PHE B 332 -22.73 2.76 13.77
C PHE B 332 -23.77 3.87 13.79
N ALA B 333 -23.33 5.13 13.75
CA ALA B 333 -24.26 6.26 13.78
C ALA B 333 -25.16 6.26 12.56
N VAL B 334 -24.60 5.95 11.39
CA VAL B 334 -25.41 5.97 10.16
C VAL B 334 -26.63 5.07 10.32
N GLY B 335 -26.41 3.85 10.82
CA GLY B 335 -27.52 2.91 10.96
C GLY B 335 -28.55 3.35 11.98
N TYR B 336 -28.08 3.84 13.14
CA TYR B 336 -29.01 4.16 14.22
C TYR B 336 -29.98 5.27 13.81
N VAL B 337 -29.44 6.38 13.30
CA VAL B 337 -30.29 7.50 12.90
C VAL B 337 -31.09 7.10 11.67
N LYS B 338 -32.41 7.27 11.75
CA LYS B 338 -33.32 6.89 10.67
C LYS B 338 -33.71 8.14 9.89
N VAL B 339 -33.42 8.13 8.59
CA VAL B 339 -33.73 9.25 7.71
C VAL B 339 -33.86 8.72 6.29
N ASN B 340 -34.69 9.39 5.49
CA ASN B 340 -34.89 8.97 4.12
C ASN B 340 -33.64 9.23 3.38
N TRP B 341 -32.95 8.18 3.00
CA TRP B 341 -31.74 8.36 2.22
C TRP B 341 -31.99 8.43 0.72
N ASP B 342 -33.22 8.19 0.28
CA ASP B 342 -33.55 8.39 -1.13
C ASP B 342 -33.49 9.87 -1.49
N LEU B 343 -33.90 10.74 -0.58
CA LEU B 343 -33.91 12.18 -0.82
C LEU B 343 -32.63 12.84 -0.31
N LEU B 344 -32.28 12.60 0.95
CA LEU B 344 -31.10 13.21 1.55
C LEU B 344 -29.81 12.45 1.25
N GLY B 345 -29.89 11.32 0.56
CA GLY B 345 -28.69 10.53 0.32
C GLY B 345 -27.67 11.26 -0.53
N GLU B 346 -28.11 11.87 -1.64
CA GLU B 346 -27.18 12.48 -2.57
C GLU B 346 -26.54 13.73 -1.98
N LEU B 347 -27.33 14.56 -1.29
CA LEU B 347 -26.78 15.78 -0.71
C LEU B 347 -25.73 15.45 0.35
N ALA B 348 -26.05 14.55 1.26
CA ALA B 348 -25.10 14.17 2.30
C ALA B 348 -23.86 13.52 1.71
N LEU B 349 -24.06 12.71 0.68
CA LEU B 349 -22.94 12.03 0.04
C LEU B 349 -22.00 13.04 -0.57
N VAL B 350 -22.56 13.99 -1.33
CA VAL B 350 -21.73 15.03 -1.94
C VAL B 350 -20.99 15.82 -0.86
N VAL B 351 -21.69 16.14 0.23
CA VAL B 351 -21.06 16.90 1.31
C VAL B 351 -19.88 16.12 1.89
N PHE B 352 -20.06 14.82 2.10
CA PHE B 352 -18.98 14.02 2.68
C PHE B 352 -17.84 13.82 1.69
N SER B 353 -18.14 13.74 0.39
CA SER B 353 -17.06 13.71 -0.60
C SER B 353 -16.26 15.00 -0.57
N VAL B 354 -16.95 16.14 -0.43
CA VAL B 354 -16.25 17.42 -0.32
C VAL B 354 -15.40 17.46 0.95
N VAL B 355 -15.92 16.88 2.04
CA VAL B 355 -15.16 16.83 3.29
C VAL B 355 -13.90 15.98 3.11
N ASN B 356 -14.02 14.86 2.40
CA ASN B 356 -12.86 14.01 2.11
C ASN B 356 -11.85 14.73 1.26
N ALA B 357 -12.30 15.51 0.29
CA ALA B 357 -11.40 16.31 -0.52
C ALA B 357 -10.69 17.37 0.31
N GLY B 358 -11.42 18.05 1.19
CA GLY B 358 -10.81 19.06 2.03
C GLY B 358 -9.79 18.48 3.01
N SER B 359 -10.10 17.32 3.59
CA SER B 359 -9.15 16.67 4.48
C SER B 359 -7.89 16.27 3.74
N LEU B 360 -8.04 15.75 2.52
CA LEU B 360 -6.86 15.39 1.74
C LEU B 360 -6.03 16.61 1.37
N PHE B 361 -6.70 17.71 1.03
CA PHE B 361 -5.98 18.95 0.73
C PHE B 361 -5.24 19.47 1.95
N LEU B 362 -5.86 19.37 3.13
CA LEU B 362 -5.16 19.74 4.36
C LEU B 362 -3.95 18.85 4.58
N MET B 363 -4.10 17.54 4.35
CA MET B 363 -2.97 16.63 4.50
C MET B 363 -1.83 17.03 3.58
N HIS B 364 -2.16 17.37 2.33
CA HIS B 364 -1.13 17.80 1.39
C HIS B 364 -0.44 19.08 1.84
N TYR B 365 -1.22 20.18 1.93
CA TYR B 365 -0.62 21.49 2.13
C TYR B 365 0.00 21.62 3.51
N THR B 366 -0.68 21.13 4.55
CA THR B 366 -0.24 21.40 5.91
C THR B 366 1.16 20.84 6.16
N ALA B 367 2.01 21.66 6.76
CA ALA B 367 3.33 21.23 7.20
C ALA B 367 3.32 20.66 8.61
N ASN B 368 2.18 20.71 9.30
CA ASN B 368 2.07 20.21 10.65
C ASN B 368 1.76 18.75 10.62
N ILE B 369 2.52 17.95 11.36
CA ILE B 369 2.24 16.52 11.41
C ILE B 369 0.94 16.27 12.15
N TRP B 370 0.65 17.06 13.18
CA TRP B 370 -0.61 16.92 13.90
C TRP B 370 -1.80 17.24 13.00
N ALA B 371 -1.67 18.27 12.17
CA ALA B 371 -2.75 18.58 11.21
C ALA B 371 -2.92 17.45 10.20
N CYS B 372 -1.85 16.80 9.80
CA CYS B 372 -1.95 15.65 8.89
C CYS B 372 -2.60 14.47 9.58
N TYR B 373 -2.36 14.27 10.86
CA TYR B 373 -3.08 13.24 11.63
C TYR B 373 -4.56 13.57 11.71
N ALA B 374 -4.89 14.84 12.00
CA ALA B 374 -6.29 15.23 12.11
C ALA B 374 -7.00 15.08 10.77
N GLY B 375 -6.34 15.44 9.67
CA GLY B 375 -6.94 15.26 8.37
C GLY B 375 -7.17 13.81 8.03
N TYR B 376 -6.23 12.93 8.40
CA TYR B 376 -6.43 11.50 8.20
C TYR B 376 -7.63 11.01 9.01
N LEU B 377 -7.74 11.45 10.26
CA LEU B 377 -8.89 11.08 11.08
C LEU B 377 -10.19 11.52 10.43
N ILE B 378 -10.24 12.76 9.96
CA ILE B 378 -11.45 13.29 9.33
C ILE B 378 -11.79 12.50 8.08
N PHE B 379 -10.78 12.20 7.26
CA PHE B 379 -11.02 11.47 6.02
C PHE B 379 -11.54 10.06 6.31
N LYS B 380 -10.94 9.37 7.28
CA LYS B 380 -11.37 8.01 7.56
C LYS B 380 -12.76 7.97 8.19
N SER B 381 -13.06 8.92 9.07
CA SER B 381 -14.38 8.95 9.68
C SER B 381 -15.46 9.32 8.67
N SER B 382 -15.19 10.32 7.83
CA SER B 382 -16.18 10.78 6.87
C SER B 382 -16.42 9.75 5.76
N TYR B 383 -15.38 9.05 5.34
CA TYR B 383 -15.57 8.03 4.31
C TYR B 383 -16.49 6.91 4.79
N MET B 384 -16.30 6.46 6.04
CA MET B 384 -17.20 5.45 6.58
C MET B 384 -18.63 5.97 6.69
N LEU B 385 -18.79 7.26 6.93
CA LEU B 385 -20.12 7.88 6.79
C LEU B 385 -20.64 7.73 5.38
N LEU B 386 -19.76 7.79 4.39
CA LEU B 386 -20.15 7.72 2.99
C LEU B 386 -20.43 6.29 2.56
N ILE B 387 -19.45 5.40 2.74
CA ILE B 387 -19.57 4.04 2.23
C ILE B 387 -20.70 3.31 2.95
N THR B 388 -20.95 3.63 4.21
CA THR B 388 -22.06 2.99 4.93
C THR B 388 -23.39 3.31 4.26
N ILE B 389 -23.61 4.59 3.95
CA ILE B 389 -24.85 4.98 3.28
C ILE B 389 -24.94 4.34 1.90
N ALA B 390 -23.81 4.32 1.18
CA ALA B 390 -23.82 3.73 -0.15
C ALA B 390 -24.19 2.24 -0.08
N VAL B 391 -23.60 1.51 0.86
CA VAL B 391 -23.88 0.09 0.99
C VAL B 391 -25.32 -0.14 1.42
N PHE B 392 -25.83 0.71 2.32
CA PHE B 392 -27.23 0.58 2.73
C PHE B 392 -28.16 0.78 1.55
N GLN B 393 -27.85 1.75 0.69
CA GLN B 393 -28.71 2.02 -0.46
C GLN B 393 -28.62 0.91 -1.51
N ILE B 394 -27.42 0.33 -1.68
CA ILE B 394 -27.26 -0.73 -2.68
C ILE B 394 -28.06 -1.97 -2.29
N ALA B 395 -27.92 -2.41 -1.05
CA ALA B 395 -28.44 -3.69 -0.61
C ALA B 395 -29.87 -3.62 -0.09
N VAL B 396 -30.54 -2.48 -0.22
CA VAL B 396 -31.86 -2.31 0.38
C VAL B 396 -32.83 -3.35 -0.16
N ASN B 397 -32.72 -3.70 -1.42
CA ASN B 397 -33.67 -4.63 -2.01
C ASN B 397 -33.04 -5.91 -2.51
N LEU B 398 -31.71 -5.99 -2.46
CA LEU B 398 -31.03 -7.15 -3.00
C LEU B 398 -31.21 -8.38 -2.12
N ASN B 399 -31.16 -9.56 -2.70
CA ASN B 399 -31.25 -10.77 -1.93
C ASN B 399 -29.91 -11.04 -1.36
N VAL B 400 -29.85 -11.93 -0.39
CA VAL B 400 -28.58 -12.31 0.22
C VAL B 400 -27.69 -12.98 -0.81
N GLU B 401 -28.27 -13.78 -1.70
CA GLU B 401 -27.51 -14.37 -2.79
C GLU B 401 -26.95 -13.30 -3.71
N ARG B 402 -27.76 -12.29 -4.00
CA ARG B 402 -27.33 -11.23 -4.90
C ARG B 402 -26.29 -10.31 -4.26
N TYR B 403 -26.28 -10.24 -2.92
CA TYR B 403 -25.24 -9.43 -2.29
C TYR B 403 -23.87 -9.83 -2.78
N ALA B 404 -23.62 -11.14 -2.88
CA ALA B 404 -22.27 -11.63 -3.16
C ALA B 404 -21.78 -11.17 -4.53
N LEU B 405 -22.57 -11.41 -5.57
CA LEU B 405 -22.10 -11.12 -6.92
C LEU B 405 -22.11 -9.62 -7.21
N VAL B 406 -23.12 -8.91 -6.73
CA VAL B 406 -23.17 -7.46 -6.94
C VAL B 406 -21.95 -6.79 -6.30
N PHE B 407 -21.69 -7.13 -5.04
CA PHE B 407 -20.56 -6.50 -4.36
C PHE B 407 -19.23 -7.01 -4.91
N GLY B 408 -19.18 -8.24 -5.42
CA GLY B 408 -17.99 -8.72 -6.09
C GLY B 408 -17.68 -7.91 -7.34
N ILE B 409 -18.71 -7.66 -8.16
CA ILE B 409 -18.52 -6.82 -9.33
C ILE B 409 -18.12 -5.41 -8.93
N ASN B 410 -18.71 -4.89 -7.86
CA ASN B 410 -18.41 -3.54 -7.41
C ASN B 410 -16.99 -3.40 -6.91
N THR B 411 -16.47 -4.40 -6.21
CA THR B 411 -15.08 -4.36 -5.77
C THR B 411 -14.13 -4.60 -6.94
N PHE B 412 -14.54 -5.43 -7.91
CA PHE B 412 -13.71 -5.62 -9.10
C PHE B 412 -13.56 -4.32 -9.88
N ILE B 413 -14.65 -3.58 -10.05
CA ILE B 413 -14.58 -2.32 -10.79
C ILE B 413 -13.79 -1.28 -10.01
N ALA B 414 -13.95 -1.25 -8.69
CA ALA B 414 -13.15 -0.37 -7.87
C ALA B 414 -11.66 -0.69 -8.00
N LEU B 415 -11.33 -1.99 -8.04
CA LEU B 415 -9.94 -2.39 -8.24
C LEU B 415 -9.43 -1.98 -9.62
N VAL B 416 -10.29 -2.07 -10.64
CA VAL B 416 -9.89 -1.62 -11.98
C VAL B 416 -9.56 -0.13 -11.95
N ILE B 417 -10.42 0.66 -11.32
CA ILE B 417 -10.18 2.11 -11.24
C ILE B 417 -8.89 2.39 -10.48
N GLN B 418 -8.70 1.70 -9.35
CA GLN B 418 -7.50 1.93 -8.56
C GLN B 418 -6.24 1.52 -9.33
N THR B 419 -6.32 0.43 -10.09
CA THR B 419 -5.18 0.01 -10.89
C THR B 419 -4.86 1.03 -11.96
N ILE B 420 -5.88 1.58 -12.63
CA ILE B 420 -5.63 2.62 -13.62
C ILE B 420 -4.96 3.82 -12.96
N MET B 421 -5.49 4.23 -11.81
CA MET B 421 -4.91 5.36 -11.09
C MET B 421 -3.45 5.10 -10.75
N THR B 422 -3.17 3.93 -10.19
CA THR B 422 -1.80 3.61 -9.78
C THR B 422 -0.86 3.57 -10.98
N VAL B 423 -1.30 2.98 -12.09
CA VAL B 423 -0.47 2.92 -13.27
C VAL B 423 -0.14 4.32 -13.76
N ILE B 424 -1.15 5.19 -13.84
CA ILE B 424 -0.92 6.53 -14.38
C ILE B 424 -0.06 7.35 -13.42
N VAL B 425 -0.41 7.37 -12.13
CA VAL B 425 0.13 8.35 -11.21
C VAL B 425 1.35 7.80 -10.47
N VAL B 426 1.15 6.73 -9.69
CA VAL B 426 2.18 6.28 -8.78
C VAL B 426 3.24 5.44 -9.48
N ASP B 427 2.85 4.68 -10.50
CA ASP B 427 3.77 3.72 -11.10
C ASP B 427 4.95 4.44 -11.76
N GLN B 428 6.08 3.74 -11.78
CA GLN B 428 7.27 4.26 -12.46
C GLN B 428 7.08 4.36 -13.96
N ARG B 429 6.10 3.65 -14.51
CA ARG B 429 5.80 3.72 -15.94
C ARG B 429 4.79 4.82 -16.27
N GLY B 430 4.37 5.60 -15.28
CA GLY B 430 3.50 6.74 -15.51
C GLY B 430 4.19 8.04 -15.13
N LEU B 431 3.52 8.86 -14.33
CA LEU B 431 4.12 10.12 -13.89
C LEU B 431 5.19 9.90 -12.83
N ASN B 432 5.18 8.76 -12.14
CA ASN B 432 6.16 8.46 -11.07
C ASN B 432 6.15 9.57 -10.05
N LEU B 433 4.96 10.05 -9.68
CA LEU B 433 4.83 11.18 -8.77
C LEU B 433 5.25 10.77 -7.35
N PRO B 434 6.04 11.59 -6.66
CA PRO B 434 6.31 11.32 -5.24
C PRO B 434 5.07 11.58 -4.40
N VAL B 435 5.12 11.06 -3.16
CA VAL B 435 4.00 11.23 -2.25
C VAL B 435 3.74 12.70 -1.95
N SER B 436 4.71 13.57 -2.16
CA SER B 436 4.53 15.00 -1.94
C SER B 436 3.59 15.66 -2.94
N ILE B 437 3.16 14.94 -3.98
CA ILE B 437 2.20 15.45 -4.95
C ILE B 437 1.01 14.53 -5.13
N GLN B 438 1.08 13.28 -4.66
CA GLN B 438 -0.02 12.34 -4.88
C GLN B 438 -1.30 12.82 -4.21
N PHE B 439 -1.21 13.36 -3.00
CA PHE B 439 -2.41 13.73 -2.26
C PHE B 439 -3.08 14.97 -2.82
N LEU B 440 -2.37 15.77 -3.63
CA LEU B 440 -3.05 16.79 -4.42
C LEU B 440 -3.91 16.16 -5.50
N VAL B 441 -3.53 14.98 -5.98
CA VAL B 441 -4.32 14.28 -6.97
C VAL B 441 -5.50 13.57 -6.33
N TYR B 442 -5.37 13.08 -5.10
CA TYR B 442 -6.48 12.39 -4.45
C TYR B 442 -7.55 13.39 -3.98
N GLY B 443 -7.14 14.53 -3.45
CA GLY B 443 -8.10 15.56 -3.12
C GLY B 443 -8.84 16.05 -4.34
N SER B 444 -8.11 16.27 -5.44
CA SER B 444 -8.75 16.64 -6.70
C SER B 444 -9.68 15.54 -7.18
N TYR B 445 -9.29 14.28 -6.97
CA TYR B 445 -10.12 13.15 -7.38
C TYR B 445 -11.45 13.16 -6.65
N PHE B 446 -11.42 13.36 -5.33
CA PHE B 446 -12.67 13.38 -4.57
C PHE B 446 -13.51 14.61 -4.89
N ALA B 447 -12.86 15.77 -5.06
CA ALA B 447 -13.60 16.96 -5.45
C ALA B 447 -14.26 16.78 -6.80
N VAL B 448 -13.57 16.15 -7.75
CA VAL B 448 -14.13 15.90 -9.06
C VAL B 448 -15.30 14.92 -8.98
N ILE B 449 -15.16 13.89 -8.13
CA ILE B 449 -16.27 12.96 -7.93
C ILE B 449 -17.50 13.72 -7.47
N ALA B 450 -17.34 14.56 -6.44
CA ALA B 450 -18.46 15.32 -5.94
C ALA B 450 -19.03 16.25 -7.01
N GLY B 451 -18.14 16.89 -7.78
CA GLY B 451 -18.62 17.82 -8.80
C GLY B 451 -19.46 17.14 -9.86
N ILE B 452 -18.95 16.06 -10.44
CA ILE B 452 -19.71 15.36 -11.47
C ILE B 452 -21.01 14.81 -10.91
N PHE B 453 -20.96 14.21 -9.70
CA PHE B 453 -22.20 13.65 -9.16
C PHE B 453 -23.22 14.75 -8.86
N LEU B 454 -22.74 15.97 -8.55
CA LEU B 454 -23.65 17.08 -8.29
C LEU B 454 -24.49 17.43 -9.52
N MET B 455 -23.91 17.29 -10.71
CA MET B 455 -24.59 17.70 -11.94
C MET B 455 -25.83 16.83 -12.17
N ARG B 456 -26.53 17.12 -13.26
CA ARG B 456 -27.82 16.51 -13.62
C ARG B 456 -28.95 17.13 -12.82
N SER B 457 -28.67 18.14 -11.99
CA SER B 457 -29.70 18.71 -11.14
C SER B 457 -30.77 19.43 -11.95
N MET B 458 -30.35 20.30 -12.87
CA MET B 458 -31.26 21.16 -13.60
C MET B 458 -31.28 20.64 -15.04
N TYR B 459 -32.05 21.31 -15.89
CA TYR B 459 -32.20 20.94 -17.29
C TYR B 459 -33.01 19.66 -17.35
C1 NAG C . 21.30 -0.49 6.30
C2 NAG C . 21.94 -1.82 6.63
C3 NAG C . 22.57 -1.74 8.00
C4 NAG C . 23.56 -0.58 8.06
C5 NAG C . 22.83 0.70 7.68
C6 NAG C . 23.75 1.92 7.70
C7 NAG C . 20.57 -3.64 5.72
C8 NAG C . 19.86 -4.88 6.15
N2 NAG C . 20.94 -2.85 6.73
O3 NAG C . 23.25 -2.96 8.28
O4 NAG C . 24.14 -0.50 9.36
O5 NAG C . 22.24 0.57 6.39
O6 NAG C . 24.39 2.03 6.42
O7 NAG C . 20.78 -3.37 4.55
#